data_6H36
#
_entry.id   6H36
#
_cell.length_a   66.020
_cell.length_b   88.070
_cell.length_c   43.960
_cell.angle_alpha   90.00
_cell.angle_beta   90.00
_cell.angle_gamma   90.00
#
_symmetry.space_group_name_H-M   'P 21 21 2'
#
loop_
_entity.id
_entity.type
_entity.pdbx_description
1 polymer 'Carbonic anhydrase 7'
2 non-polymer 'ZINC ION'
3 non-polymer 4-(4-phenylpiperidin-1-yl)carbonylbenzenesulfonamide
4 water water
#
_entity_poly.entity_id   1
_entity_poly.type   'polypeptide(L)'
_entity_poly.pdbx_seq_one_letter_code
;MGMTGHHGWGYGQDDGPSHWHKLYPIAQGDRQSPINIISSQAVYSPSLQPLELSYEACMSLSITNNGHSVQVDFNDSDDR
TVVTGGPLEGPYRLKQFHFHWGKKHDVGSEHTVDGKSFPSELHLVHWNAKKYSTFGEAASAPDGLAVVGVFLETGDEHPS
MNRLTDALYMVRFKGTKAQFSCFNPKSLLPASRHYWTYPGSLTTPPLSESVTWIVLREPISISERQMGKFRSLLFTSEDD
ERIHMVNNFRPPQPLKGRVVKASFRALEHHHHHH
;
_entity_poly.pdbx_strand_id   A
#
# COMPACT_ATOMS: atom_id res chain seq x y z
N GLY A 8 14.80 -6.45 -12.78
CA GLY A 8 13.88 -7.28 -13.61
C GLY A 8 12.65 -6.49 -14.04
N TRP A 9 11.94 -5.94 -13.08
CA TRP A 9 10.75 -5.17 -13.40
C TRP A 9 10.85 -3.80 -12.76
N GLY A 10 10.01 -2.88 -13.21
CA GLY A 10 10.03 -1.54 -12.66
C GLY A 10 8.79 -0.77 -13.03
N TYR A 11 8.94 0.54 -13.12
CA TYR A 11 7.85 1.40 -13.47
C TYR A 11 8.24 2.33 -14.62
N GLY A 12 9.37 2.02 -15.26
CA GLY A 12 9.84 2.82 -16.38
C GLY A 12 9.16 2.44 -17.68
N GLN A 13 9.54 3.10 -18.78
CA GLN A 13 8.93 2.82 -20.08
C GLN A 13 9.27 1.44 -20.63
N ASP A 14 10.43 0.91 -20.26
CA ASP A 14 10.85 -0.41 -20.73
C ASP A 14 10.47 -1.59 -19.84
N ASP A 15 10.24 -1.33 -18.56
CA ASP A 15 9.91 -2.39 -17.61
C ASP A 15 8.64 -2.20 -16.77
N GLY A 16 7.82 -1.20 -17.15
CA GLY A 16 6.60 -0.88 -16.42
C GLY A 16 5.46 -1.87 -16.39
N PRO A 17 4.41 -1.59 -15.60
CA PRO A 17 3.22 -2.41 -15.42
C PRO A 17 2.59 -3.03 -16.67
N SER A 18 2.51 -2.26 -17.74
CA SER A 18 1.90 -2.76 -18.97
C SER A 18 2.65 -3.95 -19.56
N HIS A 19 3.87 -4.18 -19.10
CA HIS A 19 4.73 -5.25 -19.59
C HIS A 19 4.94 -6.44 -18.63
N TRP A 20 4.55 -6.28 -17.37
CA TRP A 20 4.77 -7.35 -16.39
C TRP A 20 4.15 -8.70 -16.75
N HIS A 21 3.00 -8.68 -17.44
CA HIS A 21 2.31 -9.91 -17.80
C HIS A 21 3.16 -10.80 -18.68
N LYS A 22 4.18 -10.23 -19.29
CA LYS A 22 5.05 -11.02 -20.17
C LYS A 22 6.06 -11.82 -19.34
N LEU A 23 6.29 -11.39 -18.11
CA LEU A 23 7.23 -12.08 -17.21
C LEU A 23 6.48 -12.90 -16.17
N TYR A 24 5.34 -12.39 -15.71
CA TYR A 24 4.48 -13.04 -14.70
C TYR A 24 3.08 -13.19 -15.26
N PRO A 25 2.77 -14.35 -15.83
CA PRO A 25 1.46 -14.63 -16.41
C PRO A 25 0.27 -14.40 -15.48
N ILE A 26 0.46 -14.57 -14.18
CA ILE A 26 -0.64 -14.39 -13.23
C ILE A 26 -1.16 -12.96 -13.27
N ALA A 27 -0.42 -12.08 -13.94
CA ALA A 27 -0.83 -10.68 -14.10
C ALA A 27 -2.20 -10.61 -14.81
N GLN A 28 -2.55 -11.68 -15.52
CA GLN A 28 -3.82 -11.75 -16.25
C GLN A 28 -4.83 -12.60 -15.47
N GLY A 29 -4.52 -12.85 -14.20
CA GLY A 29 -5.38 -13.67 -13.36
C GLY A 29 -6.78 -13.14 -13.08
N ASP A 30 -7.56 -13.91 -12.33
CA ASP A 30 -8.93 -13.54 -11.98
C ASP A 30 -9.11 -12.65 -10.75
N ARG A 31 -8.06 -12.44 -9.96
N ARG A 31 -8.04 -12.48 -9.99
CA ARG A 31 -8.20 -11.56 -8.80
CA ARG A 31 -8.09 -11.67 -8.78
C ARG A 31 -6.99 -10.66 -8.64
C ARG A 31 -6.89 -10.75 -8.67
N GLN A 32 -6.71 -9.90 -9.69
CA GLN A 32 -5.59 -8.97 -9.70
C GLN A 32 -5.98 -7.62 -9.10
N SER A 33 -4.97 -6.92 -8.59
CA SER A 33 -5.15 -5.61 -7.96
C SER A 33 -4.15 -4.63 -8.58
N PRO A 34 -4.43 -3.32 -8.49
CA PRO A 34 -5.60 -2.69 -7.87
C PRO A 34 -6.83 -2.73 -8.79
N ILE A 35 -7.90 -2.07 -8.37
CA ILE A 35 -9.14 -2.04 -9.14
C ILE A 35 -9.80 -0.67 -9.04
N ASN A 36 -10.71 -0.38 -9.94
CA ASN A 36 -11.45 0.86 -9.86
C ASN A 36 -12.67 0.49 -9.04
N ILE A 37 -12.85 1.16 -7.90
CA ILE A 37 -13.96 0.89 -7.02
C ILE A 37 -15.16 1.76 -7.41
N ILE A 38 -16.23 1.11 -7.84
CA ILE A 38 -17.44 1.80 -8.22
C ILE A 38 -18.28 1.79 -6.94
N SER A 39 -18.29 2.92 -6.25
CA SER A 39 -19.02 3.03 -4.99
C SER A 39 -20.46 2.53 -5.05
N SER A 40 -21.21 2.94 -6.07
CA SER A 40 -22.61 2.53 -6.20
C SER A 40 -22.77 1.04 -6.38
N GLN A 41 -21.70 0.37 -6.80
CA GLN A 41 -21.77 -1.07 -7.02
C GLN A 41 -21.24 -1.93 -5.88
N ALA A 42 -20.71 -1.30 -4.84
CA ALA A 42 -20.20 -2.04 -3.68
C ALA A 42 -21.39 -2.60 -2.88
N VAL A 43 -21.21 -3.77 -2.28
CA VAL A 43 -22.29 -4.36 -1.51
C VAL A 43 -22.13 -4.04 -0.03
N TYR A 44 -23.08 -3.26 0.49
CA TYR A 44 -23.05 -2.90 1.90
C TYR A 44 -23.09 -4.22 2.67
N SER A 45 -22.10 -4.45 3.53
CA SER A 45 -22.03 -5.68 4.30
C SER A 45 -22.00 -5.46 5.81
N PRO A 46 -23.19 -5.39 6.44
CA PRO A 46 -23.39 -5.19 7.88
C PRO A 46 -22.75 -6.29 8.72
N SER A 47 -22.87 -7.52 8.25
CA SER A 47 -22.32 -8.69 8.94
C SER A 47 -20.83 -8.54 9.25
N LEU A 48 -20.12 -7.78 8.43
CA LEU A 48 -18.69 -7.58 8.64
C LEU A 48 -18.40 -7.18 10.08
N GLN A 49 -17.19 -7.49 10.54
CA GLN A 49 -16.79 -7.17 11.90
C GLN A 49 -16.08 -5.81 11.90
N PRO A 50 -16.01 -5.13 13.05
CA PRO A 50 -15.34 -3.82 13.11
C PRO A 50 -13.86 -3.93 12.77
N LEU A 51 -13.39 -3.08 11.87
CA LEU A 51 -11.98 -3.10 11.51
C LEU A 51 -11.15 -2.47 12.63
N GLU A 52 -10.18 -3.21 13.13
CA GLU A 52 -9.32 -2.70 14.19
C GLU A 52 -7.85 -2.74 13.85
N LEU A 53 -7.24 -1.57 13.91
CA LEU A 53 -5.82 -1.44 13.65
C LEU A 53 -5.17 -1.18 15.00
N SER A 54 -4.62 -2.23 15.58
CA SER A 54 -3.97 -2.16 16.89
C SER A 54 -2.47 -2.06 16.70
N TYR A 55 -1.98 -0.81 16.62
CA TYR A 55 -0.56 -0.57 16.40
C TYR A 55 0.22 -0.06 17.59
N GLU A 56 1.38 -0.66 17.80
CA GLU A 56 2.31 -0.29 18.88
C GLU A 56 3.06 0.95 18.39
N ALA A 57 3.56 1.75 19.34
CA ALA A 57 4.27 2.97 18.99
C ALA A 57 5.72 2.75 18.54
N CYS A 58 6.41 1.77 19.11
CA CYS A 58 7.79 1.53 18.75
C CYS A 58 8.12 0.13 18.22
N MET A 59 7.58 -0.19 17.05
CA MET A 59 7.83 -1.47 16.42
C MET A 59 8.55 -1.26 15.09
N SER A 60 8.68 0.00 14.68
CA SER A 60 9.34 0.35 13.42
C SER A 60 10.85 0.14 13.54
N LEU A 61 11.45 -0.32 12.44
CA LEU A 61 12.88 -0.63 12.42
C LEU A 61 13.71 0.33 11.58
N SER A 62 13.38 0.43 10.31
CA SER A 62 14.13 1.28 9.39
C SER A 62 13.27 1.82 8.25
N ILE A 63 13.87 2.68 7.44
CA ILE A 63 13.23 3.26 6.29
C ILE A 63 14.20 2.96 5.15
N THR A 64 13.67 2.46 4.04
CA THR A 64 14.52 2.05 2.92
C THR A 64 14.01 2.43 1.53
N ASN A 65 14.93 2.83 0.67
CA ASN A 65 14.59 3.12 -0.71
C ASN A 65 15.05 1.85 -1.39
N ASN A 66 14.09 1.06 -1.86
CA ASN A 66 14.42 -0.20 -2.50
C ASN A 66 14.38 -0.13 -4.03
N GLY A 67 14.34 1.08 -4.57
CA GLY A 67 14.32 1.23 -6.02
C GLY A 67 12.91 1.26 -6.60
N HIS A 68 11.94 0.83 -5.80
CA HIS A 68 10.55 0.81 -6.25
C HIS A 68 9.69 1.75 -5.41
N SER A 69 10.06 1.91 -4.14
CA SER A 69 9.30 2.76 -3.25
C SER A 69 10.18 3.04 -2.05
N VAL A 70 9.63 3.76 -1.07
CA VAL A 70 10.33 3.97 0.18
C VAL A 70 9.49 3.11 1.13
N GLN A 71 10.14 2.26 1.88
CA GLN A 71 9.44 1.33 2.76
C GLN A 71 9.93 1.36 4.19
N VAL A 72 8.98 1.30 5.12
CA VAL A 72 9.31 1.26 6.54
C VAL A 72 9.01 -0.15 7.00
N ASP A 73 10.03 -0.81 7.57
CA ASP A 73 9.88 -2.18 8.04
C ASP A 73 9.62 -2.26 9.54
N PHE A 74 8.91 -3.32 9.95
CA PHE A 74 8.55 -3.50 11.34
C PHE A 74 8.98 -4.84 11.94
N ASN A 75 9.13 -4.86 13.26
CA ASN A 75 9.43 -6.06 14.01
C ASN A 75 8.09 -6.81 14.02
N ASP A 76 8.06 -8.01 13.49
CA ASP A 76 6.83 -8.79 13.43
C ASP A 76 7.02 -10.13 14.10
N SER A 77 7.87 -10.15 15.12
CA SER A 77 8.16 -11.39 15.87
C SER A 77 6.99 -11.77 16.77
N ASP A 78 6.11 -10.81 17.03
CA ASP A 78 4.93 -11.04 17.88
C ASP A 78 3.70 -10.34 17.29
N ASP A 79 2.56 -10.51 17.96
CA ASP A 79 1.30 -9.92 17.47
C ASP A 79 0.87 -8.64 18.15
N ARG A 80 1.80 -7.71 18.32
CA ARG A 80 1.47 -6.43 18.95
C ARG A 80 0.89 -5.47 17.93
N THR A 81 1.55 -5.38 16.77
CA THR A 81 1.10 -4.50 15.70
C THR A 81 0.37 -5.32 14.64
N VAL A 82 -0.95 -5.42 14.80
CA VAL A 82 -1.78 -6.21 13.89
C VAL A 82 -3.04 -5.52 13.40
N VAL A 83 -3.64 -6.10 12.37
CA VAL A 83 -4.90 -5.61 11.86
C VAL A 83 -5.88 -6.75 12.07
N THR A 84 -7.08 -6.44 12.53
CA THR A 84 -8.04 -7.50 12.76
C THR A 84 -9.45 -7.00 12.48
N GLY A 85 -10.42 -7.90 12.45
CA GLY A 85 -11.79 -7.47 12.19
C GLY A 85 -12.08 -7.28 10.71
N GLY A 86 -13.15 -6.55 10.39
CA GLY A 86 -13.50 -6.37 9.00
C GLY A 86 -13.71 -7.72 8.35
N PRO A 87 -13.09 -7.99 7.20
CA PRO A 87 -13.22 -9.27 6.50
C PRO A 87 -12.27 -10.35 7.03
N LEU A 88 -11.35 -9.97 7.91
CA LEU A 88 -10.37 -10.90 8.44
C LEU A 88 -10.91 -11.81 9.52
N GLU A 89 -10.56 -13.09 9.43
CA GLU A 89 -11.01 -14.08 10.38
C GLU A 89 -10.13 -14.04 11.64
N GLY A 90 -8.95 -13.47 11.50
CA GLY A 90 -8.04 -13.35 12.63
C GLY A 90 -7.03 -12.23 12.40
N PRO A 91 -6.09 -12.03 13.34
CA PRO A 91 -5.08 -10.97 13.23
C PRO A 91 -3.99 -11.27 12.22
N TYR A 92 -3.54 -10.21 11.57
CA TYR A 92 -2.46 -10.26 10.58
C TYR A 92 -1.43 -9.25 11.10
N ARG A 93 -0.18 -9.67 11.16
CA ARG A 93 0.91 -8.84 11.66
C ARG A 93 1.46 -7.89 10.61
N LEU A 94 1.73 -6.66 11.02
CA LEU A 94 2.26 -5.64 10.11
C LEU A 94 3.72 -5.94 9.82
N LYS A 95 4.05 -6.08 8.54
CA LYS A 95 5.44 -6.35 8.16
C LYS A 95 6.13 -5.08 7.70
N GLN A 96 5.40 -4.29 6.93
CA GLN A 96 5.96 -3.06 6.39
C GLN A 96 4.88 -2.18 5.79
N PHE A 97 5.21 -0.91 5.56
CA PHE A 97 4.29 -0.04 4.85
C PHE A 97 5.13 0.72 3.81
N HIS A 98 4.50 1.14 2.72
CA HIS A 98 5.22 1.86 1.67
C HIS A 98 4.20 2.68 0.91
N PHE A 99 4.65 3.42 -0.10
CA PHE A 99 3.75 4.28 -0.87
C PHE A 99 3.89 4.16 -2.38
N HIS A 100 2.85 4.66 -3.06
CA HIS A 100 2.82 4.73 -4.53
C HIS A 100 2.37 6.15 -4.78
N TRP A 101 3.00 6.83 -5.73
CA TRP A 101 2.62 8.20 -5.99
C TRP A 101 2.91 8.61 -7.45
N GLY A 102 2.40 9.78 -7.84
CA GLY A 102 2.60 10.24 -9.21
C GLY A 102 3.43 11.50 -9.32
N LYS A 103 3.53 12.02 -10.54
CA LYS A 103 4.30 13.23 -10.78
C LYS A 103 3.42 14.48 -10.62
N LYS A 104 2.11 14.28 -10.62
CA LYS A 104 1.16 15.40 -10.46
C LYS A 104 0.00 14.89 -9.63
N HIS A 105 -0.79 15.81 -9.09
CA HIS A 105 -1.95 15.48 -8.25
C HIS A 105 -2.97 14.52 -8.87
N ASP A 106 -3.19 14.63 -10.17
CA ASP A 106 -4.15 13.80 -10.87
C ASP A 106 -3.81 12.30 -10.96
N VAL A 107 -2.58 11.91 -10.61
CA VAL A 107 -2.18 10.50 -10.68
C VAL A 107 -1.27 10.09 -9.52
N GLY A 108 -1.22 8.79 -9.25
CA GLY A 108 -0.35 8.30 -8.20
C GLY A 108 -0.89 7.12 -7.43
N SER A 109 -2.19 7.14 -7.11
CA SER A 109 -2.77 6.02 -6.36
C SER A 109 -2.91 4.80 -7.27
N GLU A 110 -3.04 3.62 -6.67
CA GLU A 110 -3.21 2.41 -7.46
C GLU A 110 -4.70 2.16 -7.57
N HIS A 111 -5.40 2.18 -6.45
CA HIS A 111 -6.84 2.01 -6.52
C HIS A 111 -7.41 3.35 -6.95
N THR A 112 -8.59 3.31 -7.55
CA THR A 112 -9.31 4.54 -7.92
C THR A 112 -10.74 4.35 -7.41
N VAL A 113 -11.43 5.46 -7.18
CA VAL A 113 -12.81 5.39 -6.70
C VAL A 113 -13.65 6.15 -7.72
N ASP A 114 -14.54 5.42 -8.38
CA ASP A 114 -15.38 5.98 -9.43
C ASP A 114 -14.54 6.73 -10.45
N GLY A 115 -13.43 6.10 -10.85
CA GLY A 115 -12.54 6.68 -11.86
C GLY A 115 -11.57 7.76 -11.41
N LYS A 116 -11.65 8.13 -10.13
CA LYS A 116 -10.81 9.17 -9.57
C LYS A 116 -9.55 8.64 -8.87
N SER A 117 -8.41 9.21 -9.23
CA SER A 117 -7.15 8.83 -8.62
C SER A 117 -6.73 9.85 -7.57
N PHE A 118 -5.92 9.43 -6.60
CA PHE A 118 -5.40 10.36 -5.60
C PHE A 118 -3.93 10.50 -5.93
N PRO A 119 -3.29 11.57 -5.45
CA PRO A 119 -1.86 11.78 -5.73
C PRO A 119 -0.95 10.71 -5.14
N SER A 120 -1.46 9.96 -4.17
CA SER A 120 -0.67 8.91 -3.53
C SER A 120 -1.51 7.89 -2.78
N GLU A 121 -0.91 6.74 -2.50
CA GLU A 121 -1.62 5.70 -1.78
C GLU A 121 -0.62 5.02 -0.83
N LEU A 122 -1.04 4.85 0.42
CA LEU A 122 -0.23 4.20 1.45
C LEU A 122 -0.72 2.77 1.59
N HIS A 123 0.22 1.83 1.64
CA HIS A 123 -0.10 0.41 1.80
C HIS A 123 0.53 -0.16 3.07
N LEU A 124 -0.30 -0.63 3.98
CA LEU A 124 0.16 -1.22 5.23
C LEU A 124 0.00 -2.73 5.01
N VAL A 125 1.13 -3.40 4.84
CA VAL A 125 1.17 -4.83 4.53
C VAL A 125 1.30 -5.74 5.74
N HIS A 126 0.25 -6.53 5.97
CA HIS A 126 0.19 -7.45 7.11
C HIS A 126 0.16 -8.91 6.61
N TRP A 127 0.67 -9.84 7.42
CA TRP A 127 0.66 -11.24 7.02
C TRP A 127 0.07 -12.15 8.10
N ASN A 128 -0.42 -13.31 7.65
CA ASN A 128 -1.09 -14.29 8.51
C ASN A 128 -0.06 -15.17 9.23
N ALA A 129 0.51 -14.64 10.31
CA ALA A 129 1.52 -15.35 11.08
C ALA A 129 0.96 -16.52 11.88
N LYS A 130 -0.37 -16.63 11.93
CA LYS A 130 -1.01 -17.72 12.65
C LYS A 130 -1.06 -18.97 11.79
N LYS A 131 -1.14 -18.77 10.47
CA LYS A 131 -1.21 -19.87 9.54
C LYS A 131 0.10 -20.18 8.81
N TYR A 132 0.97 -19.18 8.67
CA TYR A 132 2.23 -19.37 7.96
C TYR A 132 3.44 -19.07 8.82
N SER A 133 4.57 -19.66 8.47
CA SER A 133 5.79 -19.46 9.25
C SER A 133 6.59 -18.24 8.84
N THR A 134 6.50 -17.83 7.58
CA THR A 134 7.25 -16.65 7.16
C THR A 134 6.40 -15.72 6.32
N PHE A 135 6.83 -14.45 6.24
CA PHE A 135 6.11 -13.49 5.43
C PHE A 135 6.12 -13.99 3.99
N GLY A 136 7.29 -14.47 3.55
CA GLY A 136 7.43 -14.95 2.18
C GLY A 136 6.49 -16.11 1.84
N GLU A 137 6.33 -17.00 2.80
CA GLU A 137 5.46 -18.15 2.64
C GLU A 137 4.01 -17.68 2.54
N ALA A 138 3.66 -16.71 3.39
CA ALA A 138 2.30 -16.17 3.41
C ALA A 138 1.96 -15.39 2.13
N ALA A 139 2.96 -14.76 1.54
CA ALA A 139 2.76 -13.95 0.33
C ALA A 139 2.35 -14.75 -0.90
N SER A 140 2.42 -16.07 -0.81
CA SER A 140 2.05 -16.92 -1.94
C SER A 140 0.68 -17.57 -1.75
N ALA A 141 0.22 -17.63 -0.50
CA ALA A 141 -1.06 -18.24 -0.18
C ALA A 141 -2.24 -17.30 -0.28
N PRO A 142 -3.40 -17.80 -0.77
CA PRO A 142 -4.63 -17.00 -0.93
C PRO A 142 -5.12 -16.17 0.25
N ASP A 143 -4.85 -16.67 1.45
CA ASP A 143 -5.28 -16.02 2.68
C ASP A 143 -4.03 -15.60 3.45
N GLY A 144 -2.92 -15.40 2.75
CA GLY A 144 -1.70 -15.07 3.45
C GLY A 144 -1.51 -13.62 3.85
N LEU A 145 -2.03 -12.69 3.07
CA LEU A 145 -1.83 -11.27 3.35
C LEU A 145 -3.08 -10.42 3.44
N ALA A 146 -2.95 -9.30 4.14
CA ALA A 146 -4.01 -8.34 4.26
C ALA A 146 -3.33 -6.99 4.16
N VAL A 147 -3.70 -6.22 3.14
CA VAL A 147 -3.12 -4.91 2.98
C VAL A 147 -4.17 -3.85 3.16
N VAL A 148 -3.91 -2.90 4.05
CA VAL A 148 -4.82 -1.80 4.28
C VAL A 148 -4.30 -0.67 3.41
N GLY A 149 -5.18 -0.15 2.56
CA GLY A 149 -4.79 0.94 1.68
C GLY A 149 -5.36 2.25 2.16
N VAL A 150 -4.53 3.28 2.19
CA VAL A 150 -4.97 4.61 2.61
C VAL A 150 -4.64 5.62 1.53
N PHE A 151 -5.65 6.32 1.04
CA PHE A 151 -5.42 7.34 0.01
C PHE A 151 -4.85 8.60 0.64
N LEU A 152 -3.93 9.24 -0.08
CA LEU A 152 -3.38 10.51 0.37
C LEU A 152 -3.84 11.57 -0.63
N GLU A 153 -4.39 12.64 -0.06
CA GLU A 153 -4.84 13.78 -0.85
C GLU A 153 -3.83 14.88 -0.50
N THR A 154 -3.66 15.87 -1.37
CA THR A 154 -2.74 16.95 -1.03
C THR A 154 -3.54 18.17 -0.61
N GLY A 155 -3.08 18.83 0.46
CA GLY A 155 -3.75 20.00 0.98
C GLY A 155 -2.97 20.52 2.17
N ASP A 156 -3.54 20.37 3.37
CA ASP A 156 -2.86 20.80 4.60
C ASP A 156 -1.71 19.88 4.97
N GLU A 157 -0.72 20.45 5.64
CA GLU A 157 0.43 19.68 6.09
C GLU A 157 -0.02 18.67 7.14
N HIS A 158 0.61 17.49 7.10
CA HIS A 158 0.33 16.42 8.03
C HIS A 158 1.49 16.43 9.03
N PRO A 159 1.22 16.84 10.28
CA PRO A 159 2.26 16.90 11.32
C PRO A 159 3.07 15.62 11.49
N SER A 160 2.38 14.49 11.67
CA SER A 160 3.09 13.23 11.86
C SER A 160 3.89 12.81 10.63
N MET A 161 3.41 13.16 9.44
CA MET A 161 4.11 12.79 8.20
C MET A 161 5.49 13.45 8.11
N ASN A 162 5.66 14.61 8.73
CA ASN A 162 6.97 15.28 8.67
C ASN A 162 8.13 14.42 9.11
N ARG A 163 7.92 13.63 10.16
CA ARG A 163 9.03 12.82 10.60
C ARG A 163 9.45 11.86 9.50
N LEU A 164 8.51 11.46 8.64
CA LEU A 164 8.88 10.57 7.57
C LEU A 164 9.45 11.37 6.39
N THR A 165 8.73 12.39 5.94
CA THR A 165 9.24 13.16 4.80
C THR A 165 10.59 13.82 5.09
N ASP A 166 10.89 14.14 6.35
CA ASP A 166 12.19 14.73 6.69
C ASP A 166 13.30 13.68 6.57
N ALA A 167 12.94 12.42 6.72
CA ALA A 167 13.91 11.33 6.64
C ALA A 167 14.23 10.90 5.20
N LEU A 168 13.44 11.35 4.24
CA LEU A 168 13.62 10.97 2.85
C LEU A 168 14.96 11.36 2.22
N TYR A 169 15.44 12.56 2.52
CA TYR A 169 16.70 13.00 1.96
C TYR A 169 17.76 11.92 2.14
N MET A 170 17.82 11.33 3.33
CA MET A 170 18.80 10.31 3.63
C MET A 170 18.68 9.01 2.82
N VAL A 171 17.53 8.77 2.21
CA VAL A 171 17.35 7.57 1.41
C VAL A 171 16.91 7.91 -0.01
N ARG A 172 17.29 9.08 -0.50
CA ARG A 172 16.86 9.46 -1.85
C ARG A 172 17.38 8.54 -2.95
N PHE A 173 18.50 7.88 -2.71
CA PHE A 173 19.08 6.97 -3.71
C PHE A 173 18.69 5.50 -3.48
N LYS A 174 18.46 4.79 -4.57
CA LYS A 174 18.10 3.39 -4.49
C LYS A 174 19.13 2.61 -3.66
N GLY A 175 18.64 1.72 -2.81
CA GLY A 175 19.51 0.88 -2.01
C GLY A 175 20.04 1.42 -0.70
N THR A 176 19.53 2.57 -0.27
CA THR A 176 19.99 3.14 0.98
C THR A 176 18.91 2.95 2.04
N LYS A 177 19.33 2.89 3.30
CA LYS A 177 18.38 2.73 4.39
C LYS A 177 18.89 3.48 5.63
N ALA A 178 17.97 3.80 6.52
CA ALA A 178 18.31 4.51 7.75
C ALA A 178 17.47 3.92 8.86
N GLN A 179 17.94 4.11 10.09
CA GLN A 179 17.21 3.62 11.25
C GLN A 179 15.96 4.49 11.34
N PHE A 180 14.82 3.91 11.74
CA PHE A 180 13.59 4.68 11.84
C PHE A 180 12.82 4.13 13.03
N SER A 181 13.28 4.50 14.22
CA SER A 181 12.70 4.02 15.47
C SER A 181 11.49 4.80 15.97
N CYS A 182 10.61 4.08 16.64
CA CYS A 182 9.41 4.65 17.21
C CYS A 182 8.53 5.53 16.33
N PHE A 183 8.19 5.03 15.15
CA PHE A 183 7.26 5.76 14.31
C PHE A 183 5.98 4.90 14.41
N ASN A 184 4.89 5.50 14.86
CA ASN A 184 3.64 4.77 15.00
C ASN A 184 2.83 4.92 13.70
N PRO A 185 2.63 3.81 12.97
CA PRO A 185 1.86 3.89 11.72
C PRO A 185 0.42 4.35 11.93
N LYS A 186 -0.05 4.27 13.16
CA LYS A 186 -1.42 4.71 13.44
C LYS A 186 -1.52 6.20 13.12
N SER A 187 -0.39 6.90 13.20
CA SER A 187 -0.36 8.34 12.94
C SER A 187 -0.69 8.69 11.49
N LEU A 188 -0.68 7.69 10.60
CA LEU A 188 -0.99 7.92 9.19
C LEU A 188 -2.38 7.42 8.79
N LEU A 189 -3.23 7.16 9.78
CA LEU A 189 -4.59 6.69 9.50
C LEU A 189 -5.58 7.84 9.62
N PRO A 190 -6.68 7.80 8.86
CA PRO A 190 -7.71 8.83 8.88
C PRO A 190 -8.57 8.62 10.15
N ALA A 191 -9.44 9.57 10.50
CA ALA A 191 -10.24 9.40 11.72
C ALA A 191 -11.38 8.41 11.55
N SER A 192 -11.51 7.85 10.36
CA SER A 192 -12.57 6.89 10.10
C SER A 192 -12.03 5.51 9.77
N ARG A 193 -12.78 4.48 10.13
CA ARG A 193 -12.36 3.11 9.83
C ARG A 193 -13.29 2.44 8.81
N HIS A 194 -14.12 3.24 8.11
CA HIS A 194 -14.98 2.67 7.06
C HIS A 194 -14.08 2.24 5.91
N TYR A 195 -14.50 1.21 5.19
CA TYR A 195 -13.66 0.68 4.13
C TYR A 195 -14.41 -0.14 3.10
N TRP A 196 -13.68 -0.48 2.04
CA TRP A 196 -14.16 -1.34 0.98
C TRP A 196 -13.23 -2.55 1.10
N THR A 197 -13.71 -3.74 0.75
CA THR A 197 -12.85 -4.91 0.80
C THR A 197 -13.15 -5.87 -0.35
N TYR A 198 -12.10 -6.50 -0.87
CA TYR A 198 -12.27 -7.44 -1.96
C TYR A 198 -11.03 -8.32 -2.02
N PRO A 199 -11.15 -9.52 -2.60
CA PRO A 199 -10.05 -10.46 -2.73
C PRO A 199 -9.20 -10.04 -3.93
N GLY A 200 -7.91 -9.82 -3.70
CA GLY A 200 -7.05 -9.39 -4.79
C GLY A 200 -5.65 -9.97 -4.74
N SER A 201 -4.69 -9.18 -5.19
CA SER A 201 -3.30 -9.64 -5.27
C SER A 201 -2.29 -8.59 -4.89
N LEU A 202 -1.03 -9.01 -4.93
CA LEU A 202 0.08 -8.09 -4.70
C LEU A 202 0.01 -7.19 -5.94
N THR A 203 0.37 -5.92 -5.82
CA THR A 203 0.35 -5.03 -6.99
C THR A 203 1.72 -4.88 -7.64
N THR A 204 2.66 -5.69 -7.18
CA THR A 204 4.02 -5.72 -7.75
C THR A 204 4.33 -7.20 -7.97
N PRO A 205 5.25 -7.49 -8.89
CA PRO A 205 5.63 -8.88 -9.15
C PRO A 205 5.98 -9.50 -7.81
N PRO A 206 5.71 -10.81 -7.60
CA PRO A 206 5.11 -11.83 -8.44
C PRO A 206 3.62 -11.74 -8.70
N LEU A 207 2.97 -10.68 -8.20
CA LEU A 207 1.52 -10.47 -8.41
C LEU A 207 0.63 -11.61 -7.91
N SER A 208 1.12 -12.32 -6.89
CA SER A 208 0.38 -13.45 -6.31
C SER A 208 -0.97 -13.00 -5.80
N GLU A 209 -1.98 -13.84 -5.99
CA GLU A 209 -3.34 -13.50 -5.55
C GLU A 209 -3.51 -13.99 -4.13
N SER A 210 -2.78 -13.34 -3.24
CA SER A 210 -2.74 -13.72 -1.83
C SER A 210 -3.18 -12.60 -0.91
N VAL A 211 -3.79 -11.57 -1.45
CA VAL A 211 -4.13 -10.42 -0.64
C VAL A 211 -5.60 -10.12 -0.41
N THR A 212 -5.99 -9.94 0.85
CA THR A 212 -7.34 -9.50 1.15
C THR A 212 -7.16 -7.99 1.25
N TRP A 213 -7.75 -7.26 0.31
CA TRP A 213 -7.64 -5.81 0.33
C TRP A 213 -8.66 -5.10 1.19
N ILE A 214 -8.18 -4.12 1.94
CA ILE A 214 -9.00 -3.29 2.82
C ILE A 214 -8.60 -1.86 2.50
N VAL A 215 -9.40 -1.21 1.65
CA VAL A 215 -9.13 0.16 1.23
C VAL A 215 -10.01 1.09 2.06
N LEU A 216 -9.38 1.97 2.86
CA LEU A 216 -10.13 2.90 3.68
C LEU A 216 -10.82 3.95 2.83
N ARG A 217 -12.05 4.25 3.21
CA ARG A 217 -12.88 5.23 2.52
C ARG A 217 -12.35 6.67 2.61
N GLU A 218 -11.88 7.06 3.79
CA GLU A 218 -11.41 8.43 4.02
C GLU A 218 -9.91 8.61 3.80
N PRO A 219 -9.53 9.59 2.97
CA PRO A 219 -8.08 9.78 2.77
C PRO A 219 -7.50 10.67 3.86
N ILE A 220 -6.17 10.65 3.99
CA ILE A 220 -5.51 11.53 4.92
C ILE A 220 -4.99 12.60 4.00
N SER A 221 -4.57 13.72 4.55
CA SER A 221 -4.06 14.79 3.72
C SER A 221 -2.64 15.17 4.11
N ILE A 222 -1.80 15.44 3.11
CA ILE A 222 -0.45 15.88 3.39
C ILE A 222 -0.28 17.14 2.53
N SER A 223 0.74 17.93 2.81
CA SER A 223 0.93 19.17 2.04
C SER A 223 1.58 18.88 0.70
N GLU A 224 1.46 19.82 -0.23
CA GLU A 224 2.10 19.64 -1.52
C GLU A 224 3.61 19.57 -1.27
N ARG A 225 4.11 20.34 -0.30
CA ARG A 225 5.53 20.33 0.04
C ARG A 225 5.97 18.93 0.48
N GLN A 226 5.16 18.29 1.30
CA GLN A 226 5.48 16.94 1.78
C GLN A 226 5.44 15.95 0.61
N MET A 227 4.42 16.08 -0.23
CA MET A 227 4.32 15.19 -1.39
C MET A 227 5.58 15.38 -2.26
N GLY A 228 6.13 16.59 -2.26
CA GLY A 228 7.31 16.89 -3.05
C GLY A 228 8.55 16.16 -2.56
N LYS A 229 8.59 15.84 -1.27
CA LYS A 229 9.73 15.12 -0.72
C LYS A 229 9.75 13.70 -1.30
N PHE A 230 8.57 13.16 -1.59
CA PHE A 230 8.48 11.82 -2.16
C PHE A 230 8.94 11.86 -3.62
N ARG A 231 8.44 12.85 -4.36
CA ARG A 231 8.81 13.02 -5.77
C ARG A 231 10.28 13.36 -5.95
N SER A 232 10.99 13.61 -4.86
CA SER A 232 12.41 13.94 -4.91
C SER A 232 13.28 12.70 -4.75
N LEU A 233 12.64 11.58 -4.42
CA LEU A 233 13.35 10.32 -4.27
C LEU A 233 13.77 9.89 -5.68
N LEU A 234 14.75 9.00 -5.77
CA LEU A 234 15.25 8.51 -7.05
C LEU A 234 15.15 7.00 -7.23
N PHE A 235 14.78 6.57 -8.43
CA PHE A 235 14.69 5.14 -8.77
C PHE A 235 16.12 4.66 -8.90
N THR A 236 17.02 5.62 -9.11
CA THR A 236 18.43 5.34 -9.38
C THR A 236 19.44 5.39 -8.23
N SER A 237 20.57 4.71 -8.46
CA SER A 237 21.66 4.67 -7.48
C SER A 237 22.42 5.99 -7.52
N GLU A 238 23.28 6.18 -6.54
CA GLU A 238 24.05 7.41 -6.43
C GLU A 238 24.97 7.68 -7.62
N ASP A 239 25.32 6.62 -8.35
CA ASP A 239 26.22 6.76 -9.50
C ASP A 239 25.49 6.99 -10.80
N ASP A 240 24.46 6.19 -11.04
CA ASP A 240 23.67 6.29 -12.26
C ASP A 240 23.06 7.67 -12.45
N GLU A 241 22.53 7.90 -13.65
CA GLU A 241 21.89 9.17 -13.97
C GLU A 241 20.64 9.28 -13.12
N ARG A 242 20.42 10.45 -12.54
CA ARG A 242 19.26 10.65 -11.69
C ARG A 242 17.94 10.48 -12.41
N ILE A 243 17.13 9.54 -11.93
CA ILE A 243 15.80 9.31 -12.48
C ILE A 243 14.85 9.33 -11.28
N HIS A 244 14.02 10.36 -11.21
CA HIS A 244 13.09 10.51 -10.10
C HIS A 244 12.04 9.43 -9.96
N MET A 245 11.83 9.02 -8.72
CA MET A 245 10.84 7.99 -8.40
C MET A 245 9.46 8.62 -8.38
N VAL A 246 8.73 8.48 -9.50
CA VAL A 246 7.36 8.98 -9.63
C VAL A 246 6.59 7.98 -10.47
N ASN A 247 5.26 7.99 -10.34
CA ASN A 247 4.41 7.07 -11.07
C ASN A 247 4.78 5.61 -10.83
N ASN A 248 5.12 5.28 -9.59
CA ASN A 248 5.46 3.91 -9.24
C ASN A 248 4.18 3.19 -8.79
N PHE A 249 3.17 3.22 -9.66
CA PHE A 249 1.89 2.56 -9.39
C PHE A 249 1.45 1.67 -10.55
N ARG A 250 0.62 0.68 -10.25
CA ARG A 250 0.05 -0.24 -11.24
C ARG A 250 -1.39 0.24 -11.39
N PRO A 251 -1.87 0.36 -12.64
CA PRO A 251 -3.23 0.80 -12.98
C PRO A 251 -4.28 -0.25 -12.61
N PRO A 252 -5.56 0.15 -12.58
CA PRO A 252 -6.69 -0.75 -12.25
C PRO A 252 -6.75 -1.98 -13.17
N GLN A 253 -7.11 -3.12 -12.61
CA GLN A 253 -7.19 -4.37 -13.34
C GLN A 253 -8.65 -4.82 -13.44
N PRO A 254 -8.95 -5.76 -14.35
CA PRO A 254 -10.32 -6.24 -14.52
C PRO A 254 -10.90 -6.86 -13.24
N LEU A 255 -12.12 -6.47 -12.90
CA LEU A 255 -12.81 -6.96 -11.70
C LEU A 255 -13.13 -8.44 -11.83
N LYS A 256 -13.49 -8.83 -13.05
CA LYS A 256 -13.80 -10.21 -13.37
C LYS A 256 -14.82 -10.85 -12.42
N GLY A 257 -15.92 -10.16 -12.20
CA GLY A 257 -17.00 -10.67 -11.37
C GLY A 257 -16.78 -10.67 -9.87
N ARG A 258 -15.69 -10.08 -9.39
CA ARG A 258 -15.47 -10.05 -7.96
C ARG A 258 -16.42 -9.06 -7.30
N VAL A 259 -16.83 -9.40 -6.08
CA VAL A 259 -17.72 -8.55 -5.32
C VAL A 259 -16.95 -7.66 -4.36
N VAL A 260 -17.18 -6.35 -4.44
CA VAL A 260 -16.53 -5.41 -3.54
C VAL A 260 -17.54 -5.12 -2.43
N LYS A 261 -17.13 -5.36 -1.19
CA LYS A 261 -18.01 -5.13 -0.07
C LYS A 261 -17.65 -3.79 0.57
N ALA A 262 -18.62 -3.17 1.21
CA ALA A 262 -18.41 -1.88 1.88
C ALA A 262 -18.91 -2.04 3.31
N SER A 263 -18.26 -1.34 4.23
CA SER A 263 -18.63 -1.39 5.64
C SER A 263 -19.64 -0.30 5.94
N PHE A 264 -19.98 0.48 4.92
CA PHE A 264 -20.89 1.63 5.04
C PHE A 264 -21.78 1.76 3.80
N ARG A 265 -22.70 2.72 3.84
CA ARG A 265 -23.60 2.99 2.72
C ARG A 265 -23.17 4.28 2.01
N ALA A 266 -23.06 4.23 0.69
CA ALA A 266 -22.67 5.39 -0.09
C ALA A 266 -23.85 6.34 -0.29
#